data_6XFN
#
_entry.id   6XFN
#
_cell.length_a   114.566
_cell.length_b   54.317
_cell.length_c   44.492
_cell.angle_alpha   90.000
_cell.angle_beta   100.860
_cell.angle_gamma   90.000
#
_symmetry.space_group_name_H-M   'C 1 2 1'
#
loop_
_entity.id
_entity.type
_entity.pdbx_description
1 polymer '3C-like proteinase'
2 polymer UAW243
3 non-polymer GLYCEROL
4 water water
#
loop_
_entity_poly.entity_id
_entity_poly.type
_entity_poly.pdbx_seq_one_letter_code
_entity_poly.pdbx_strand_id
1 'polypeptide(L)'
;HMSGFRKMAFPSGKVEGCMVQVTCGTTTLNGLWLDDVVYCPRHVICTSEDMLNPNYEDLLIRKSNHNFLVQAGNVQLRVI
GHSMQNCVLKLKVDTANPKTPKYKFVRIQPGQTFSVLACYNGSPSGVYQCAMRPNFTIKGSFLNGSCGSVGFNIDYDCVS
FCYMHHMELPTGVHAGTDLEGNFYGPFVDRQTAQAAGTDTTITVNVLAWLYAAVINGDRWFLNRFTTTLNDFNLVAMKYN
YEPLTQDHVDILGPLSAQTGIAVLDMCASLKELLQNGMNGRTILGSALLEDEFTPFDVVRQCSGVTFQ
;
A
2 'polypeptide(L)' (UZ7)L(V1V)(APY) B
#
# COMPACT_ATOMS: atom_id res chain seq x y z
N GLY A 4 -22.55 -7.00 -6.35
CA GLY A 4 -21.88 -5.67 -6.30
C GLY A 4 -21.03 -5.48 -5.04
N PHE A 5 -19.73 -5.81 -5.12
CA PHE A 5 -18.72 -5.55 -4.05
C PHE A 5 -17.34 -5.37 -4.69
N ARG A 6 -16.92 -4.11 -4.84
CA ARG A 6 -15.72 -3.73 -5.63
C ARG A 6 -14.59 -3.27 -4.71
N LYS A 7 -13.37 -3.37 -5.22
CA LYS A 7 -12.15 -2.77 -4.64
C LYS A 7 -12.24 -1.25 -4.86
N MET A 8 -12.65 -0.54 -3.83
CA MET A 8 -12.90 0.91 -3.84
C MET A 8 -11.62 1.59 -3.38
N ALA A 9 -11.18 2.65 -4.06
CA ALA A 9 -10.06 3.50 -3.61
C ALA A 9 -10.64 4.66 -2.81
N PHE A 10 -9.86 5.29 -1.93
CA PHE A 10 -10.24 6.59 -1.35
C PHE A 10 -10.29 7.64 -2.45
N PRO A 11 -11.19 8.63 -2.28
CA PRO A 11 -11.16 9.83 -3.07
C PRO A 11 -9.77 10.47 -2.90
N SER A 12 -9.20 10.88 -4.02
CA SER A 12 -7.76 11.18 -4.22
C SER A 12 -7.51 12.69 -4.30
N GLY A 13 -8.55 13.51 -4.24
CA GLY A 13 -8.42 14.97 -4.44
C GLY A 13 -7.36 15.58 -3.53
N LYS A 14 -7.40 15.24 -2.25
CA LYS A 14 -6.57 15.90 -1.23
C LYS A 14 -5.10 15.54 -1.49
N VAL A 15 -4.85 14.40 -2.14
CA VAL A 15 -3.45 13.98 -2.46
C VAL A 15 -3.05 14.60 -3.77
N GLU A 16 -3.96 14.72 -4.74
CA GLU A 16 -3.65 15.29 -6.06
C GLU A 16 -3.05 16.69 -5.88
N GLY A 17 -3.54 17.44 -4.90
CA GLY A 17 -3.11 18.83 -4.66
C GLY A 17 -1.69 18.91 -4.12
N CYS A 18 -1.09 17.77 -3.76
CA CYS A 18 0.25 17.68 -3.11
C CYS A 18 1.31 17.11 -4.05
N MET A 19 0.94 16.62 -5.22
CA MET A 19 1.90 15.98 -6.15
C MET A 19 2.63 17.03 -7.01
N VAL A 20 3.94 16.88 -7.07
CA VAL A 20 4.86 17.75 -7.82
C VAL A 20 5.91 16.91 -8.55
N GLN A 21 6.60 17.56 -9.46
CA GLN A 21 7.70 16.98 -10.25
C GLN A 21 9.01 17.41 -9.59
N VAL A 22 9.95 16.48 -9.37
CA VAL A 22 11.29 16.78 -8.81
C VAL A 22 12.32 16.31 -9.85
N THR A 23 13.17 17.24 -10.30
CA THR A 23 14.28 16.96 -11.23
C THR A 23 15.59 17.30 -10.51
N CYS A 24 16.58 16.40 -10.59
CA CYS A 24 17.97 16.63 -10.13
C CYS A 24 18.87 16.19 -11.29
N GLY A 25 19.30 17.13 -12.14
CA GLY A 25 20.01 16.85 -13.40
C GLY A 25 19.12 16.10 -14.37
N THR A 26 19.56 14.94 -14.85
CA THR A 26 18.85 14.10 -15.83
C THR A 26 17.59 13.48 -15.20
N THR A 27 17.63 13.18 -13.90
CA THR A 27 16.65 12.31 -13.21
C THR A 27 15.43 13.12 -12.77
N THR A 28 14.25 12.74 -13.24
CA THR A 28 12.95 13.34 -12.81
C THR A 28 12.07 12.25 -12.20
N LEU A 29 11.41 12.57 -11.11
CA LEU A 29 10.41 11.66 -10.51
C LEU A 29 9.37 12.51 -9.80
N ASN A 30 8.55 11.85 -8.98
CA ASN A 30 7.44 12.54 -8.28
C ASN A 30 7.83 12.89 -6.84
N GLY A 31 7.20 13.93 -6.32
CA GLY A 31 7.35 14.39 -4.94
C GLY A 31 6.04 14.80 -4.29
N LEU A 32 6.06 14.94 -2.97
CA LEU A 32 4.87 15.17 -2.11
C LEU A 32 5.12 16.45 -1.34
N TRP A 33 4.30 17.46 -1.63
CA TRP A 33 4.45 18.86 -1.15
C TRP A 33 3.43 19.06 -0.02
N LEU A 34 3.93 19.05 1.21
CA LEU A 34 3.14 19.30 2.44
C LEU A 34 3.77 20.47 3.20
N ASP A 35 2.97 21.46 3.60
CA ASP A 35 3.54 22.67 4.24
C ASP A 35 4.65 23.17 3.31
N ASP A 36 5.86 23.47 3.78
CA ASP A 36 6.94 24.01 2.92
C ASP A 36 7.99 22.91 2.67
N VAL A 37 7.64 21.62 2.80
CA VAL A 37 8.59 20.47 2.57
C VAL A 37 8.07 19.60 1.42
N VAL A 38 8.99 19.23 0.55
CA VAL A 38 8.75 18.30 -0.57
C VAL A 38 9.53 17.02 -0.28
N TYR A 39 8.80 15.92 -0.17
CA TYR A 39 9.34 14.58 0.18
C TYR A 39 9.45 13.80 -1.12
N CYS A 40 10.62 13.24 -1.40
CA CYS A 40 10.80 12.41 -2.60
C CYS A 40 11.86 11.35 -2.33
N PRO A 41 11.92 10.30 -3.16
CA PRO A 41 12.94 9.25 -3.01
C PRO A 41 14.32 9.85 -3.14
N ARG A 42 15.24 9.48 -2.26
CA ARG A 42 16.61 10.08 -2.28
C ARG A 42 17.32 9.72 -3.57
N HIS A 43 16.93 8.68 -4.31
CA HIS A 43 17.63 8.34 -5.57
C HIS A 43 17.33 9.35 -6.68
N VAL A 44 16.57 10.41 -6.42
CA VAL A 44 16.44 11.51 -7.44
C VAL A 44 17.86 12.03 -7.76
N ILE A 45 18.80 11.92 -6.81
CA ILE A 45 20.20 12.43 -6.98
C ILE A 45 21.10 11.43 -7.72
N CYS A 46 20.63 10.25 -8.12
CA CYS A 46 21.44 9.22 -8.83
C CYS A 46 21.29 9.29 -10.37
N THR A 47 22.41 9.15 -11.08
CA THR A 47 22.41 8.71 -12.49
C THR A 47 22.04 7.23 -12.55
N SER A 48 21.62 6.76 -13.71
CA SER A 48 21.39 5.33 -14.01
C SER A 48 22.55 4.46 -13.47
N GLU A 49 23.79 4.87 -13.75
CA GLU A 49 25.06 4.19 -13.33
C GLU A 49 25.20 4.17 -11.80
N ASP A 50 24.94 5.31 -11.17
CA ASP A 50 25.05 5.48 -9.69
C ASP A 50 24.17 4.44 -8.98
N MET A 51 22.99 4.13 -9.54
CA MET A 51 21.97 3.23 -8.91
C MET A 51 22.57 1.85 -8.68
N LEU A 52 23.62 1.46 -9.40
CA LEU A 52 24.22 0.11 -9.28
C LEU A 52 24.81 -0.06 -7.87
N ASN A 53 25.40 0.98 -7.31
CA ASN A 53 26.12 0.91 -6.00
C ASN A 53 26.28 2.30 -5.43
N PRO A 54 25.18 3.00 -5.12
CA PRO A 54 25.26 4.41 -4.71
C PRO A 54 25.77 4.60 -3.28
N ASN A 55 26.68 5.56 -3.09
CA ASN A 55 27.01 6.16 -1.76
C ASN A 55 26.20 7.45 -1.65
N TYR A 56 25.01 7.37 -1.06
CA TYR A 56 24.07 8.51 -1.03
C TYR A 56 24.68 9.72 -0.30
N GLU A 57 25.38 9.52 0.80
CA GLU A 57 26.02 10.66 1.54
C GLU A 57 26.96 11.42 0.59
N ASP A 58 27.80 10.71 -0.13
CA ASP A 58 28.79 11.31 -1.05
C ASP A 58 28.07 11.99 -2.23
N LEU A 59 27.03 11.37 -2.79
CA LEU A 59 26.33 11.98 -3.95
C LEU A 59 25.63 13.26 -3.50
N LEU A 60 25.01 13.24 -2.31
CA LEU A 60 24.16 14.39 -1.85
C LEU A 60 25.07 15.61 -1.65
N ILE A 61 26.25 15.37 -1.15
CA ILE A 61 27.29 16.43 -0.93
C ILE A 61 27.62 17.16 -2.24
N ARG A 62 27.57 16.49 -3.39
CA ARG A 62 27.85 17.11 -4.70
C ARG A 62 26.68 18.00 -5.14
N LYS A 63 25.53 17.93 -4.45
CA LYS A 63 24.28 18.60 -4.88
C LYS A 63 24.07 19.90 -4.10
N SER A 64 23.60 20.93 -4.81
CA SER A 64 23.10 22.20 -4.20
C SER A 64 21.61 22.35 -4.54
N ASN A 65 20.92 23.23 -3.82
CA ASN A 65 19.48 23.55 -4.01
C ASN A 65 19.19 23.74 -5.51
N HIS A 66 20.05 24.49 -6.20
CA HIS A 66 19.81 24.85 -7.62
C HIS A 66 19.95 23.60 -8.52
N ASN A 67 20.41 22.47 -7.99
CA ASN A 67 20.40 21.20 -8.76
C ASN A 67 19.05 20.50 -8.58
N PHE A 68 18.12 21.12 -7.86
CA PHE A 68 16.73 20.60 -7.68
C PHE A 68 15.69 21.53 -8.34
N LEU A 69 15.07 21.07 -9.42
CA LEU A 69 13.96 21.78 -10.11
C LEU A 69 12.63 21.11 -9.73
N VAL A 70 11.87 21.77 -8.85
CA VAL A 70 10.51 21.35 -8.44
C VAL A 70 9.46 22.18 -9.18
N GLN A 71 8.57 21.51 -9.91
CA GLN A 71 7.42 22.13 -10.62
C GLN A 71 6.12 21.57 -10.03
N ALA A 72 5.11 22.43 -9.87
CA ALA A 72 3.75 22.09 -9.36
C ALA A 72 2.73 22.70 -10.33
N GLY A 73 2.48 21.99 -11.43
CA GLY A 73 1.76 22.52 -12.60
C GLY A 73 2.68 23.36 -13.46
N ASN A 74 2.27 24.60 -13.74
CA ASN A 74 3.13 25.61 -14.42
C ASN A 74 4.00 26.29 -13.35
N VAL A 75 3.48 26.43 -12.12
CA VAL A 75 4.24 27.04 -10.98
C VAL A 75 5.61 26.35 -10.92
N GLN A 76 6.66 27.12 -10.67
CA GLN A 76 7.98 26.60 -10.24
C GLN A 76 8.17 26.96 -8.76
N LEU A 77 8.87 26.09 -8.03
CA LEU A 77 9.06 26.16 -6.55
C LEU A 77 10.56 26.31 -6.25
N ARG A 78 10.90 27.19 -5.32
CA ARG A 78 12.30 27.51 -4.94
C ARG A 78 12.74 26.62 -3.78
N VAL A 79 13.65 25.68 -4.06
CA VAL A 79 14.30 24.83 -3.02
C VAL A 79 15.28 25.73 -2.27
N ILE A 80 15.14 25.83 -0.95
CA ILE A 80 16.00 26.69 -0.09
C ILE A 80 16.66 25.83 1.00
N GLY A 81 16.62 24.50 0.86
CA GLY A 81 17.15 23.57 1.86
C GLY A 81 16.95 22.14 1.42
N HIS A 82 17.90 21.25 1.76
CA HIS A 82 17.80 19.79 1.53
C HIS A 82 18.35 19.06 2.75
N SER A 83 17.67 17.98 3.18
CA SER A 83 18.25 16.99 4.11
C SER A 83 17.84 15.59 3.65
N MET A 84 18.64 14.61 4.02
CA MET A 84 18.30 13.19 3.79
C MET A 84 17.82 12.61 5.11
N GLN A 85 16.65 11.98 5.08
CA GLN A 85 16.13 11.20 6.21
C GLN A 85 15.96 9.78 5.73
N ASN A 86 16.82 8.85 6.18
CA ASN A 86 16.74 7.43 5.74
C ASN A 86 16.75 7.48 4.21
N CYS A 87 15.78 6.91 3.53
CA CYS A 87 15.80 6.80 2.07
C CYS A 87 14.99 7.91 1.39
N VAL A 88 14.59 8.95 2.13
CA VAL A 88 13.86 10.10 1.53
C VAL A 88 14.70 11.38 1.67
N LEU A 89 14.54 12.21 0.66
CA LEU A 89 15.03 13.59 0.63
C LEU A 89 13.88 14.48 1.05
N LYS A 90 14.18 15.43 1.92
CA LYS A 90 13.26 16.53 2.28
C LYS A 90 13.82 17.82 1.70
N LEU A 91 13.16 18.35 0.68
CA LEU A 91 13.49 19.65 0.04
C LEU A 91 12.64 20.72 0.73
N LYS A 92 13.24 21.57 1.57
CA LYS A 92 12.54 22.76 2.12
C LYS A 92 12.30 23.72 0.95
N VAL A 93 11.07 24.21 0.77
CA VAL A 93 10.75 25.19 -0.31
C VAL A 93 10.22 26.48 0.33
N ASP A 94 10.20 27.58 -0.42
CA ASP A 94 9.94 28.91 0.21
C ASP A 94 8.45 29.04 0.52
N THR A 95 7.59 28.45 -0.30
CA THR A 95 6.11 28.61 -0.24
C THR A 95 5.45 27.33 0.28
N ALA A 96 4.70 27.43 1.39
CA ALA A 96 3.85 26.36 1.95
C ALA A 96 2.71 26.07 0.97
N ASN A 97 2.44 24.79 0.74
CA ASN A 97 1.40 24.34 -0.22
C ASN A 97 0.06 24.86 0.29
N PRO A 98 -0.65 25.69 -0.49
CA PRO A 98 -1.96 26.22 -0.09
C PRO A 98 -3.03 25.11 -0.07
N LYS A 99 -2.81 24.04 -0.83
CA LYS A 99 -3.70 22.84 -0.88
C LYS A 99 -3.26 21.76 0.13
N THR A 100 -2.35 22.02 1.07
CA THR A 100 -1.95 21.03 2.12
C THR A 100 -3.20 20.57 2.88
N PRO A 101 -3.54 19.25 2.89
CA PRO A 101 -4.64 18.75 3.71
C PRO A 101 -4.16 18.57 5.13
N LYS A 102 -5.07 18.31 6.05
CA LYS A 102 -4.75 17.68 7.35
C LYS A 102 -4.18 16.32 7.04
N TYR A 103 -3.08 15.95 7.69
CA TYR A 103 -2.31 14.73 7.34
C TYR A 103 -1.52 14.24 8.53
N LYS A 104 -1.23 12.95 8.51
CA LYS A 104 -0.32 12.20 9.40
C LYS A 104 0.57 11.33 8.51
N PHE A 105 1.71 10.96 9.06
CA PHE A 105 2.60 9.89 8.54
C PHE A 105 2.45 8.68 9.44
N VAL A 106 2.21 7.51 8.86
CA VAL A 106 2.04 6.25 9.63
C VAL A 106 2.80 5.13 8.93
N ARG A 107 3.23 4.19 9.74
CA ARG A 107 3.87 2.97 9.26
C ARG A 107 2.84 1.87 9.38
N ILE A 108 2.38 1.34 8.25
CA ILE A 108 1.29 0.31 8.31
C ILE A 108 1.90 -1.05 8.55
N GLN A 109 1.03 -1.99 8.93
CA GLN A 109 1.42 -3.38 9.18
C GLN A 109 1.15 -4.17 7.90
N PRO A 110 1.87 -5.28 7.70
CA PRO A 110 1.58 -6.22 6.61
C PRO A 110 0.14 -6.70 6.72
N GLY A 111 -0.51 -6.75 5.56
CA GLY A 111 -1.91 -7.17 5.47
C GLY A 111 -2.84 -6.00 5.39
N GLN A 112 -2.42 -4.80 5.80
CA GLN A 112 -3.31 -3.61 5.74
CA GLN A 112 -3.28 -3.59 5.74
C GLN A 112 -3.32 -3.07 4.30
N THR A 113 -4.40 -2.39 3.95
CA THR A 113 -4.63 -1.86 2.59
C THR A 113 -4.50 -0.34 2.56
N PHE A 114 -4.33 0.21 1.35
CA PHE A 114 -4.24 1.67 1.15
C PHE A 114 -4.46 1.96 -0.31
N SER A 115 -4.74 3.21 -0.57
CA SER A 115 -4.93 3.74 -1.94
C SER A 115 -3.59 4.28 -2.45
N VAL A 116 -3.29 3.97 -3.69
CA VAL A 116 -2.12 4.51 -4.44
C VAL A 116 -2.63 5.51 -5.46
N LEU A 117 -2.05 6.69 -5.45
CA LEU A 117 -2.17 7.66 -6.57
C LEU A 117 -0.94 7.54 -7.46
N ALA A 118 -1.04 6.80 -8.57
CA ALA A 118 0.06 6.56 -9.52
C ALA A 118 0.26 7.87 -10.30
N CYS A 119 1.49 8.37 -10.29
CA CYS A 119 1.90 9.66 -10.93
C CYS A 119 3.09 9.45 -11.86
N TYR A 120 3.21 10.32 -12.89
CA TYR A 120 4.34 10.40 -13.84
C TYR A 120 4.63 11.89 -14.09
N ASN A 121 5.87 12.33 -13.89
CA ASN A 121 6.29 13.76 -13.94
C ASN A 121 5.41 14.67 -13.06
N GLY A 122 5.00 14.17 -11.90
CA GLY A 122 4.23 14.95 -10.92
C GLY A 122 2.77 15.09 -11.29
N SER A 123 2.29 14.35 -12.30
CA SER A 123 0.86 14.41 -12.72
C SER A 123 0.19 13.06 -12.44
N PRO A 124 -0.93 13.06 -11.70
CA PRO A 124 -1.71 11.84 -11.51
C PRO A 124 -2.14 11.15 -12.81
N SER A 125 -2.02 9.83 -12.85
CA SER A 125 -2.54 8.97 -13.94
C SER A 125 -3.78 8.26 -13.41
N GLY A 126 -3.74 7.69 -12.20
CA GLY A 126 -4.90 6.95 -11.69
C GLY A 126 -4.80 6.57 -10.23
N VAL A 127 -5.87 6.01 -9.69
CA VAL A 127 -5.96 5.67 -8.24
C VAL A 127 -6.51 4.25 -8.14
N TYR A 128 -5.89 3.48 -7.27
CA TYR A 128 -6.31 2.08 -7.01
C TYR A 128 -5.93 1.69 -5.59
N GLN A 129 -6.62 0.67 -5.12
CA GLN A 129 -6.50 0.11 -3.75
C GLN A 129 -5.59 -1.11 -3.84
N CYS A 130 -4.75 -1.33 -2.84
N CYS A 130 -4.66 -1.21 -2.88
CA CYS A 130 -3.88 -2.52 -2.81
CA CYS A 130 -3.53 -2.19 -2.77
C CYS A 130 -3.46 -2.79 -1.37
C CYS A 130 -3.49 -2.78 -1.36
N ALA A 131 -2.86 -3.94 -1.16
CA ALA A 131 -2.46 -4.42 0.16
C ALA A 131 -0.94 -4.43 0.25
N MET A 132 -0.42 -4.11 1.42
CA MET A 132 0.94 -4.49 1.81
C MET A 132 0.96 -6.01 2.03
N ARG A 133 1.73 -6.71 1.23
CA ARG A 133 1.79 -8.19 1.30
C ARG A 133 2.46 -8.54 2.62
N PRO A 134 2.21 -9.74 3.19
CA PRO A 134 2.96 -10.21 4.34
C PRO A 134 4.48 -10.17 4.18
N ASN A 135 5.00 -10.27 2.95
CA ASN A 135 6.46 -10.15 2.71
C ASN A 135 6.87 -8.68 2.46
N PHE A 136 5.97 -7.71 2.73
CA PHE A 136 6.25 -6.24 2.67
C PHE A 136 6.55 -5.74 1.25
N THR A 137 6.06 -6.44 0.23
CA THR A 137 6.05 -5.92 -1.16
C THR A 137 4.62 -5.50 -1.48
N ILE A 138 4.43 -4.75 -2.56
CA ILE A 138 3.08 -4.48 -3.08
C ILE A 138 3.03 -4.99 -4.53
N LYS A 139 1.91 -5.60 -4.91
CA LYS A 139 1.63 -6.01 -6.30
C LYS A 139 0.91 -4.81 -6.89
N GLY A 140 1.68 -3.79 -7.22
CA GLY A 140 1.13 -2.52 -7.70
C GLY A 140 0.98 -2.56 -9.19
N SER A 141 0.52 -1.48 -9.77
CA SER A 141 0.58 -1.20 -11.23
C SER A 141 1.38 0.09 -11.38
N PHE A 142 2.67 -0.04 -11.66
CA PHE A 142 3.61 1.10 -11.77
C PHE A 142 4.51 0.94 -12.98
N LEU A 143 4.76 2.02 -13.71
CA LEU A 143 5.69 2.05 -14.87
C LEU A 143 6.94 2.83 -14.48
N ASN A 144 7.91 2.86 -15.37
CA ASN A 144 9.13 3.68 -15.18
C ASN A 144 8.63 5.11 -14.97
N GLY A 145 9.25 5.84 -14.03
CA GLY A 145 8.91 7.22 -13.63
C GLY A 145 7.82 7.30 -12.57
N SER A 146 7.34 6.17 -12.03
CA SER A 146 6.28 6.16 -10.98
C SER A 146 6.88 6.41 -9.59
N CYS A 147 8.20 6.35 -9.45
CA CYS A 147 8.88 6.53 -8.13
C CYS A 147 8.47 7.88 -7.52
N GLY A 148 8.16 7.90 -6.22
CA GLY A 148 7.64 9.07 -5.49
C GLY A 148 6.13 9.12 -5.42
N SER A 149 5.40 8.26 -6.13
CA SER A 149 3.94 8.05 -5.97
C SER A 149 3.69 7.61 -4.52
N VAL A 150 2.56 7.97 -3.93
CA VAL A 150 2.32 7.71 -2.50
C VAL A 150 1.05 6.89 -2.32
N GLY A 151 1.04 6.12 -1.26
CA GLY A 151 -0.09 5.39 -0.73
C GLY A 151 -0.61 6.03 0.53
N PHE A 152 -1.93 5.94 0.73
CA PHE A 152 -2.58 6.68 1.82
C PHE A 152 -3.90 6.00 2.16
N ASN A 153 -4.36 6.38 3.34
CA ASN A 153 -5.70 6.07 3.89
C ASN A 153 -6.34 7.39 4.31
N ILE A 154 -7.66 7.46 4.30
CA ILE A 154 -8.33 8.71 4.74
C ILE A 154 -9.31 8.36 5.87
N ASP A 155 -9.28 9.09 6.99
CA ASP A 155 -10.25 8.92 8.10
C ASP A 155 -10.86 10.28 8.36
N TYR A 156 -12.18 10.41 8.21
CA TYR A 156 -12.81 11.74 8.39
C TYR A 156 -12.14 12.69 7.40
N ASP A 157 -11.41 13.70 7.89
CA ASP A 157 -10.80 14.71 6.99
C ASP A 157 -9.25 14.66 6.97
N CYS A 158 -8.66 13.61 7.51
CA CYS A 158 -7.19 13.51 7.65
C CYS A 158 -6.60 12.46 6.72
N VAL A 159 -5.56 12.84 5.97
CA VAL A 159 -4.86 11.88 5.08
C VAL A 159 -3.71 11.23 5.86
N SER A 160 -3.72 9.91 6.01
CA SER A 160 -2.63 9.18 6.68
C SER A 160 -1.74 8.61 5.58
N PHE A 161 -0.60 9.23 5.29
CA PHE A 161 0.35 8.75 4.24
C PHE A 161 1.14 7.58 4.82
N CYS A 162 1.16 6.43 4.16
CA CYS A 162 1.80 5.20 4.68
C CYS A 162 2.87 4.67 3.73
N TYR A 163 2.93 5.12 2.49
CA TYR A 163 3.84 4.48 1.49
C TYR A 163 4.36 5.53 0.52
N MET A 164 5.64 5.43 0.20
CA MET A 164 6.21 6.15 -0.98
C MET A 164 6.89 5.10 -1.86
N HIS A 165 6.54 5.09 -3.13
CA HIS A 165 7.05 4.09 -4.09
C HIS A 165 8.49 4.36 -4.49
N HIS A 166 9.37 3.37 -4.35
CA HIS A 166 10.79 3.52 -4.77
C HIS A 166 11.16 2.66 -5.97
N MET A 167 10.83 1.37 -5.98
CA MET A 167 11.49 0.47 -6.94
C MET A 167 10.63 -0.71 -7.34
N GLU A 168 10.97 -1.21 -8.51
CA GLU A 168 10.44 -2.49 -8.99
C GLU A 168 11.56 -3.50 -8.85
N LEU A 169 11.28 -4.57 -8.12
CA LEU A 169 12.21 -5.72 -7.97
C LEU A 169 12.31 -6.43 -9.29
N PRO A 170 13.49 -7.04 -9.56
CA PRO A 170 13.69 -7.83 -10.77
C PRO A 170 12.58 -8.88 -10.98
N THR A 171 11.79 -9.20 -9.95
CA THR A 171 10.63 -10.15 -10.01
C THR A 171 9.29 -9.47 -10.34
N GLY A 172 9.24 -8.15 -10.54
CA GLY A 172 8.06 -7.43 -11.06
C GLY A 172 7.13 -6.94 -9.95
N VAL A 173 7.46 -7.20 -8.69
CA VAL A 173 6.70 -6.62 -7.54
C VAL A 173 7.45 -5.37 -7.07
N HIS A 174 6.83 -4.66 -6.16
CA HIS A 174 7.14 -3.25 -5.83
C HIS A 174 7.56 -3.14 -4.36
N ALA A 175 8.46 -2.20 -4.11
CA ALA A 175 8.98 -1.92 -2.76
C ALA A 175 9.13 -0.43 -2.58
N GLY A 176 8.98 -0.01 -1.34
CA GLY A 176 8.98 1.40 -1.02
C GLY A 176 9.09 1.60 0.47
N THR A 177 8.91 2.85 0.88
CA THR A 177 9.19 3.29 2.26
C THR A 177 7.90 3.82 2.90
N ASP A 178 7.97 4.04 4.19
CA ASP A 178 7.09 4.98 4.93
C ASP A 178 7.57 6.41 4.57
N LEU A 179 6.88 7.42 5.06
CA LEU A 179 7.22 8.82 4.66
C LEU A 179 8.39 9.33 5.52
N GLU A 180 8.86 8.56 6.50
CA GLU A 180 10.15 8.85 7.18
C GLU A 180 11.31 8.18 6.41
N GLY A 181 11.05 7.49 5.27
CA GLY A 181 12.14 6.95 4.42
C GLY A 181 12.64 5.57 4.84
N ASN A 182 11.92 4.87 5.71
CA ASN A 182 12.30 3.53 6.17
C ASN A 182 11.64 2.51 5.22
N PHE A 183 12.42 1.68 4.56
CA PHE A 183 11.83 0.62 3.69
C PHE A 183 10.86 -0.23 4.51
N TYR A 184 9.77 -0.61 3.85
CA TYR A 184 9.01 -1.80 4.25
C TYR A 184 9.77 -3.03 3.76
N GLY A 185 10.04 -3.97 4.66
CA GLY A 185 10.75 -5.20 4.32
C GLY A 185 12.26 -5.02 4.18
N PRO A 186 12.99 -6.06 3.73
CA PRO A 186 14.45 -6.07 3.77
C PRO A 186 15.17 -5.30 2.65
N PHE A 187 14.44 -4.49 1.91
CA PHE A 187 14.93 -3.93 0.63
C PHE A 187 15.80 -2.70 0.87
N VAL A 188 16.66 -2.46 -0.13
CA VAL A 188 17.54 -1.28 -0.19
C VAL A 188 17.37 -0.60 -1.55
N ASP A 189 17.64 0.70 -1.59
CA ASP A 189 17.44 1.51 -2.82
C ASP A 189 18.73 1.43 -3.64
N ARG A 190 18.94 0.27 -4.21
CA ARG A 190 20.11 -0.06 -5.06
C ARG A 190 19.62 -1.03 -6.13
N GLN A 191 20.11 -0.87 -7.36
CA GLN A 191 19.80 -1.80 -8.47
C GLN A 191 20.70 -3.02 -8.32
N THR A 192 20.19 -3.97 -7.55
CA THR A 192 20.81 -5.27 -7.22
C THR A 192 19.64 -6.24 -7.06
N ALA A 193 19.85 -7.52 -7.36
CA ALA A 193 18.88 -8.60 -7.08
C ALA A 193 18.56 -8.58 -5.58
N GLN A 194 17.29 -8.65 -5.21
CA GLN A 194 16.89 -8.68 -3.78
C GLN A 194 15.74 -9.66 -3.60
N ALA A 195 15.88 -10.52 -2.60
CA ALA A 195 14.92 -11.59 -2.27
C ALA A 195 13.78 -10.96 -1.47
N ALA A 196 12.54 -11.19 -1.92
CA ALA A 196 11.35 -10.98 -1.09
C ALA A 196 11.07 -12.32 -0.39
N GLY A 197 10.51 -12.30 0.80
CA GLY A 197 10.15 -13.58 1.44
C GLY A 197 9.22 -14.39 0.56
N THR A 198 9.05 -15.67 0.87
CA THR A 198 7.80 -16.37 0.53
C THR A 198 6.63 -15.45 0.89
N ASP A 199 5.75 -15.22 -0.04
CA ASP A 199 4.53 -14.49 0.32
C ASP A 199 3.52 -15.51 0.83
N THR A 200 2.61 -15.04 1.64
CA THR A 200 1.50 -15.85 2.14
C THR A 200 0.22 -15.08 1.83
N THR A 201 -0.89 -15.78 1.87
CA THR A 201 -2.24 -15.21 1.73
C THR A 201 -2.66 -14.64 3.10
N ILE A 202 -3.25 -13.45 3.07
CA ILE A 202 -3.69 -12.74 4.29
C ILE A 202 -5.02 -13.34 4.73
N THR A 203 -4.94 -14.34 5.60
CA THR A 203 -6.10 -15.12 6.07
C THR A 203 -7.25 -14.28 6.62
N VAL A 204 -6.96 -13.30 7.47
CA VAL A 204 -8.01 -12.45 8.09
C VAL A 204 -8.77 -11.67 7.01
N ASN A 205 -8.08 -11.27 5.95
CA ASN A 205 -8.69 -10.56 4.79
C ASN A 205 -9.56 -11.52 3.94
N VAL A 206 -9.13 -12.76 3.71
CA VAL A 206 -9.98 -13.75 3.00
C VAL A 206 -11.27 -13.92 3.82
N LEU A 207 -11.17 -14.10 5.13
CA LEU A 207 -12.38 -14.28 5.99
C LEU A 207 -13.27 -13.03 5.89
N ALA A 208 -12.71 -11.82 5.93
CA ALA A 208 -13.48 -10.56 5.76
C ALA A 208 -14.28 -10.60 4.45
N TRP A 209 -13.65 -11.09 3.39
CA TRP A 209 -14.22 -11.09 2.01
C TRP A 209 -15.33 -12.16 1.91
N LEU A 210 -15.12 -13.30 2.57
CA LEU A 210 -16.21 -14.32 2.70
C LEU A 210 -17.43 -13.76 3.47
N TYR A 211 -17.26 -12.95 4.53
CA TYR A 211 -18.33 -12.22 5.22
C TYR A 211 -19.00 -11.25 4.23
N ALA A 212 -18.22 -10.49 3.45
CA ALA A 212 -18.78 -9.60 2.42
C ALA A 212 -19.67 -10.40 1.45
N ALA A 213 -19.23 -11.61 1.08
CA ALA A 213 -19.92 -12.48 0.12
C ALA A 213 -21.30 -12.84 0.71
N VAL A 214 -21.33 -13.18 1.99
CA VAL A 214 -22.59 -13.59 2.67
C VAL A 214 -23.55 -12.40 2.70
N ILE A 215 -23.04 -11.24 3.10
CA ILE A 215 -23.81 -9.99 3.17
C ILE A 215 -24.44 -9.71 1.81
N ASN A 216 -23.75 -10.11 0.75
CA ASN A 216 -24.16 -9.83 -0.65
C ASN A 216 -24.93 -10.98 -1.26
N GLY A 217 -25.31 -11.98 -0.46
CA GLY A 217 -26.18 -13.05 -0.97
C GLY A 217 -25.48 -14.23 -1.57
N ASP A 218 -24.15 -14.28 -1.48
CA ASP A 218 -23.42 -15.47 -1.99
C ASP A 218 -23.22 -16.36 -0.77
N ARG A 219 -23.95 -17.47 -0.63
CA ARG A 219 -23.87 -18.27 0.62
C ARG A 219 -23.50 -19.73 0.36
N TRP A 220 -23.34 -20.13 -0.89
CA TRP A 220 -23.11 -21.54 -1.29
C TRP A 220 -21.99 -22.25 -0.54
N PHE A 221 -20.99 -21.52 -0.07
CA PHE A 221 -19.73 -22.07 0.49
C PHE A 221 -19.86 -22.28 2.01
N LEU A 222 -20.96 -21.88 2.64
CA LEU A 222 -21.10 -22.00 4.12
C LEU A 222 -21.34 -23.46 4.49
N ASN A 223 -20.74 -23.91 5.59
CA ASN A 223 -20.89 -25.31 6.08
C ASN A 223 -21.23 -25.31 7.57
N ARG A 224 -21.59 -26.47 8.09
CA ARG A 224 -22.05 -26.73 9.49
C ARG A 224 -20.98 -26.57 10.57
N PHE A 225 -19.74 -26.83 10.20
CA PHE A 225 -18.62 -27.02 11.14
C PHE A 225 -17.93 -25.79 11.70
N THR A 226 -17.20 -26.07 12.76
CA THR A 226 -16.31 -25.12 13.46
C THR A 226 -14.91 -25.78 13.55
N THR A 227 -13.99 -25.14 14.28
CA THR A 227 -12.56 -25.56 14.34
C THR A 227 -11.94 -24.70 15.43
N THR A 228 -10.64 -24.77 15.60
CA THR A 228 -9.93 -23.93 16.59
C THR A 228 -8.81 -23.22 15.84
N LEU A 229 -8.32 -22.11 16.36
CA LEU A 229 -7.16 -21.42 15.76
C LEU A 229 -6.05 -22.44 15.56
N ASN A 230 -5.85 -23.33 16.53
CA ASN A 230 -4.74 -24.31 16.48
C ASN A 230 -4.97 -25.23 15.27
N ASP A 231 -6.17 -25.77 15.10
CA ASP A 231 -6.42 -26.75 14.00
C ASP A 231 -6.49 -26.08 12.64
N PHE A 232 -7.15 -24.92 12.58
CA PHE A 232 -7.22 -24.17 11.30
C PHE A 232 -5.79 -23.89 10.83
N ASN A 233 -4.93 -23.43 11.74
CA ASN A 233 -3.56 -22.95 11.45
C ASN A 233 -2.70 -24.10 10.88
N LEU A 234 -3.01 -25.36 11.18
CA LEU A 234 -2.31 -26.51 10.56
C LEU A 234 -2.57 -26.54 9.05
N VAL A 235 -3.83 -26.37 8.66
CA VAL A 235 -4.27 -26.31 7.23
C VAL A 235 -3.77 -25.02 6.59
N ALA A 236 -3.84 -23.87 7.28
CA ALA A 236 -3.32 -22.58 6.76
C ALA A 236 -1.84 -22.73 6.39
N MET A 237 -1.04 -23.34 7.26
CA MET A 237 0.41 -23.56 7.03
C MET A 237 0.61 -24.35 5.72
N LYS A 238 -0.21 -25.37 5.48
CA LYS A 238 -0.11 -26.24 4.28
C LYS A 238 -0.38 -25.44 3.00
N TYR A 239 -1.34 -24.50 3.02
CA TYR A 239 -1.74 -23.70 1.82
C TYR A 239 -1.06 -22.31 1.80
N ASN A 240 0.00 -22.13 2.59
CA ASN A 240 0.78 -20.87 2.72
C ASN A 240 -0.20 -19.73 3.00
N TYR A 241 -1.13 -19.96 3.93
CA TYR A 241 -1.98 -18.90 4.51
C TYR A 241 -1.32 -18.44 5.80
N GLU A 242 -1.38 -17.13 6.10
CA GLU A 242 -0.92 -16.56 7.40
C GLU A 242 -1.66 -17.21 8.57
N PRO A 243 -0.98 -17.50 9.70
CA PRO A 243 -1.68 -18.00 10.88
C PRO A 243 -2.71 -16.99 11.39
N LEU A 244 -3.89 -17.47 11.78
CA LEU A 244 -4.96 -16.63 12.37
C LEU A 244 -4.76 -16.60 13.89
N THR A 245 -4.73 -15.40 14.48
CA THR A 245 -4.56 -15.12 15.92
C THR A 245 -5.90 -14.66 16.50
N GLN A 246 -5.99 -14.55 17.84
CA GLN A 246 -7.23 -14.10 18.53
C GLN A 246 -7.45 -12.64 18.15
N ASP A 247 -6.37 -11.88 17.98
CA ASP A 247 -6.41 -10.47 17.50
C ASP A 247 -7.26 -10.46 16.22
N HIS A 248 -6.99 -11.40 15.32
CA HIS A 248 -7.72 -11.48 14.01
C HIS A 248 -9.19 -11.81 14.25
N VAL A 249 -9.50 -12.78 15.12
CA VAL A 249 -10.89 -13.12 15.48
C VAL A 249 -11.58 -11.86 16.05
N ASP A 250 -10.87 -11.08 16.87
CA ASP A 250 -11.45 -9.91 17.56
C ASP A 250 -11.85 -8.88 16.49
N ILE A 251 -11.04 -8.72 15.45
CA ILE A 251 -11.27 -7.71 14.38
C ILE A 251 -12.45 -8.16 13.50
N LEU A 252 -12.71 -9.45 13.38
CA LEU A 252 -13.83 -9.99 12.55
C LEU A 252 -15.15 -9.97 13.33
N GLY A 253 -15.13 -9.60 14.60
CA GLY A 253 -16.32 -9.64 15.49
C GLY A 253 -17.57 -9.00 14.89
N PRO A 254 -17.51 -7.72 14.49
CA PRO A 254 -18.67 -7.02 13.92
C PRO A 254 -19.26 -7.71 12.69
N LEU A 255 -18.41 -8.33 11.87
CA LEU A 255 -18.89 -9.05 10.67
C LEU A 255 -19.56 -10.35 11.12
N SER A 256 -18.97 -11.07 12.08
CA SER A 256 -19.63 -12.24 12.70
C SER A 256 -21.01 -11.85 13.23
N ALA A 257 -21.11 -10.71 13.90
CA ALA A 257 -22.36 -10.19 14.51
C ALA A 257 -23.38 -9.87 13.39
N GLN A 258 -22.97 -9.12 12.37
CA GLN A 258 -23.89 -8.74 11.27
C GLN A 258 -24.48 -10.00 10.63
N THR A 259 -23.72 -11.09 10.42
CA THR A 259 -24.15 -12.21 9.58
C THR A 259 -24.69 -13.38 10.42
N GLY A 260 -24.44 -13.40 11.73
CA GLY A 260 -24.79 -14.54 12.62
C GLY A 260 -23.93 -15.76 12.33
N ILE A 261 -22.72 -15.57 11.76
CA ILE A 261 -21.77 -16.68 11.48
C ILE A 261 -20.55 -16.44 12.37
N ALA A 262 -20.34 -17.28 13.38
CA ALA A 262 -19.18 -17.20 14.29
C ALA A 262 -17.87 -17.28 13.49
N VAL A 263 -16.84 -16.59 13.96
CA VAL A 263 -15.53 -16.49 13.27
C VAL A 263 -14.97 -17.91 13.07
N LEU A 264 -15.01 -18.78 14.09
CA LEU A 264 -14.40 -20.12 13.93
C LEU A 264 -15.26 -20.94 12.98
N ASP A 265 -16.52 -20.56 12.78
CA ASP A 265 -17.44 -21.24 11.82
C ASP A 265 -17.09 -20.87 10.36
N MET A 266 -16.86 -19.59 10.09
CA MET A 266 -16.41 -19.15 8.74
C MET A 266 -15.05 -19.79 8.41
N CYS A 267 -14.19 -19.93 9.41
CA CYS A 267 -12.85 -20.58 9.26
C CYS A 267 -13.02 -22.03 8.77
N ALA A 268 -14.04 -22.74 9.27
CA ALA A 268 -14.30 -24.13 8.84
C ALA A 268 -14.70 -24.13 7.37
N SER A 269 -15.46 -23.12 6.91
CA SER A 269 -15.86 -22.99 5.49
C SER A 269 -14.59 -22.71 4.66
N LEU A 270 -13.72 -21.83 5.14
CA LEU A 270 -12.46 -21.53 4.43
C LEU A 270 -11.64 -22.81 4.29
N LYS A 271 -11.48 -23.58 5.37
CA LYS A 271 -10.76 -24.88 5.35
C LYS A 271 -11.28 -25.76 4.21
N GLU A 272 -12.60 -25.88 4.06
CA GLU A 272 -13.23 -26.75 3.04
C GLU A 272 -12.90 -26.21 1.64
N LEU A 273 -12.95 -24.88 1.47
CA LEU A 273 -12.60 -24.20 0.19
C LEU A 273 -11.13 -24.47 -0.13
N LEU A 274 -10.23 -24.46 0.87
CA LEU A 274 -8.78 -24.68 0.60
C LEU A 274 -8.55 -26.13 0.18
N GLN A 275 -9.16 -27.06 0.91
CA GLN A 275 -8.96 -28.52 0.67
C GLN A 275 -9.62 -28.99 -0.63
N ASN A 276 -10.73 -28.38 -1.07
CA ASN A 276 -11.62 -28.93 -2.14
C ASN A 276 -11.72 -28.00 -3.35
N GLY A 277 -11.15 -26.81 -3.31
CA GLY A 277 -11.32 -25.81 -4.38
C GLY A 277 -12.75 -25.32 -4.46
N MET A 278 -13.07 -24.57 -5.52
CA MET A 278 -14.37 -23.89 -5.70
C MET A 278 -15.25 -24.67 -6.70
N ASN A 279 -14.75 -25.80 -7.24
CA ASN A 279 -15.47 -26.66 -8.22
C ASN A 279 -16.03 -25.82 -9.37
N GLY A 280 -15.28 -24.83 -9.87
CA GLY A 280 -15.70 -23.96 -10.98
C GLY A 280 -16.82 -22.96 -10.65
N ARG A 281 -17.25 -22.82 -9.39
CA ARG A 281 -18.15 -21.72 -8.97
C ARG A 281 -17.33 -20.51 -8.54
N THR A 282 -18.02 -19.37 -8.42
CA THR A 282 -17.41 -18.07 -8.09
C THR A 282 -17.99 -17.59 -6.76
N ILE A 283 -17.25 -16.72 -6.08
CA ILE A 283 -17.69 -15.97 -4.89
C ILE A 283 -17.48 -14.50 -5.24
N LEU A 284 -18.55 -13.70 -5.19
CA LEU A 284 -18.55 -12.28 -5.57
C LEU A 284 -17.92 -12.15 -6.94
N GLY A 285 -18.32 -13.06 -7.84
CA GLY A 285 -17.85 -13.14 -9.24
C GLY A 285 -16.35 -13.28 -9.38
N SER A 286 -15.67 -13.87 -8.40
CA SER A 286 -14.23 -14.20 -8.48
C SER A 286 -14.11 -15.72 -8.42
N ALA A 287 -13.20 -16.32 -9.19
CA ALA A 287 -12.95 -17.77 -9.13
C ALA A 287 -11.74 -18.06 -8.24
N LEU A 288 -11.19 -17.03 -7.60
CA LEU A 288 -10.10 -17.18 -6.61
C LEU A 288 -10.52 -16.48 -5.32
N LEU A 289 -9.90 -16.89 -4.21
CA LEU A 289 -10.14 -16.24 -2.90
C LEU A 289 -9.36 -14.94 -2.84
N GLU A 290 -10.02 -13.83 -2.53
CA GLU A 290 -9.47 -12.46 -2.54
C GLU A 290 -8.96 -12.14 -1.13
N ASP A 291 -7.74 -11.59 -1.02
CA ASP A 291 -7.13 -11.25 0.30
C ASP A 291 -6.75 -9.78 0.41
N GLU A 292 -7.19 -8.88 -0.46
CA GLU A 292 -6.77 -7.45 -0.37
C GLU A 292 -7.94 -6.59 0.09
N PHE A 293 -8.92 -7.15 0.83
CA PHE A 293 -9.93 -6.41 1.60
C PHE A 293 -9.79 -6.73 3.09
N THR A 294 -9.57 -5.71 3.91
CA THR A 294 -9.46 -5.90 5.36
C THR A 294 -10.88 -5.96 5.94
N PRO A 295 -11.00 -6.42 7.20
CA PRO A 295 -12.27 -6.35 7.91
C PRO A 295 -12.82 -4.92 8.00
N PHE A 296 -11.95 -3.92 8.24
CA PHE A 296 -12.39 -2.49 8.29
C PHE A 296 -12.92 -2.09 6.92
N ASP A 297 -12.22 -2.46 5.83
CA ASP A 297 -12.62 -2.17 4.43
C ASP A 297 -14.03 -2.72 4.17
N VAL A 298 -14.26 -3.98 4.55
CA VAL A 298 -15.60 -4.60 4.37
C VAL A 298 -16.62 -3.78 5.16
N VAL A 299 -16.38 -3.48 6.44
CA VAL A 299 -17.36 -2.76 7.29
C VAL A 299 -17.62 -1.37 6.70
N ARG A 300 -16.54 -0.65 6.36
CA ARG A 300 -16.55 0.72 5.78
C ARG A 300 -17.48 0.73 4.56
N GLN A 301 -17.26 -0.20 3.62
CA GLN A 301 -17.99 -0.28 2.33
C GLN A 301 -19.45 -0.65 2.59
N CYS A 302 -19.69 -1.76 3.31
CA CYS A 302 -21.05 -2.28 3.64
C CYS A 302 -21.87 -1.31 4.52
N SER A 303 -21.26 -0.37 5.23
CA SER A 303 -21.98 0.59 6.11
C SER A 303 -22.00 2.02 5.52
N GLY A 304 -21.31 2.27 4.41
CA GLY A 304 -21.35 3.53 3.63
C GLY A 304 -20.60 4.68 4.27
N VAL A 305 -19.42 4.42 4.86
CA VAL A 305 -18.58 5.44 5.56
C VAL A 305 -18.08 6.44 4.52
N THR A 306 -18.21 7.75 4.81
CA THR A 306 -17.77 8.89 3.97
C THR A 306 -16.68 9.69 4.70
N PHE A 307 -16.14 10.75 4.09
CA PHE A 307 -14.88 11.44 4.49
C PHE A 307 -15.04 12.97 4.50
N LEU B 2 13.31 2.56 -15.34
CA LEU B 2 13.77 3.18 -13.96
C LEU B 2 12.83 4.48 -13.68
#